data_7B8K
#
_entry.id   7B8K
#
_cell.length_a   60.728
_cell.length_b   72.400
_cell.length_c   79.093
_cell.angle_alpha   90.000
_cell.angle_beta   90.000
_cell.angle_gamma   90.000
#
_symmetry.space_group_name_H-M   'P 21 21 21'
#
loop_
_entity.id
_entity.type
_entity.pdbx_description
1 polymer 'Palmitoleoyl-protein carboxylesterase NOTUM'
2 non-polymer 'SULFATE ION'
3 non-polymer 2-acetamido-2-deoxy-beta-D-glucopyranose
4 non-polymer 1,2-ETHANEDIOL
5 non-polymer 1~{H}-benzimidazol-2-ylcyanamide
6 water water
#
_entity_poly.entity_id   1
_entity_poly.type   'polypeptide(L)'
_entity_poly.pdbx_seq_one_letter_code
;ETGSAQQLNEDLRLHLLLNTSVTCNDGSPAGYYLKESRGSRRWLLFLEGGWYCFNRENCDSRYDTMRRLMSSRDWPRTRT
GTGILSSQPEENPYWWNANMVFIPYCSSDVWSGASSKSEKNEYAFMGALIIQEVVRELLGRGLSGAKVLLLAGSSAGGTG
VLLNVDRVAEQLEKLGYPAIQVRGLADSGWFLDNKQYRHTDCVDTITCAPTEAIRRGIRYWNGVVPERCRRQFQEGEEWN
CFFGYKVYPTLRSPVFVVQWLFDEAQLTVDNVHLTGQPVQEGLRLYIQNLGRELRHTLKDVPASFAPACLSHEIIIRSHW
TDVQVKGTSLPRALHCWDRSLHDSHKASKTPLKGCPVHLVDSCPWPHCNPSCPTGTKHHHHHH
;
_entity_poly.pdbx_strand_id   A
#
loop_
_chem_comp.id
_chem_comp.type
_chem_comp.name
_chem_comp.formula
AXV non-polymer 1~{H}-benzimidazol-2-ylcyanamide 'C8 H6 N4'
EDO non-polymer 1,2-ETHANEDIOL 'C2 H6 O2'
NAG D-saccharide, beta linking 2-acetamido-2-deoxy-beta-D-glucopyranose 'C8 H15 N O6'
SO4 non-polymer 'SULFATE ION' 'O4 S -2'
#
# COMPACT_ATOMS: atom_id res chain seq x y z
N ASP A 11 -8.80 4.16 20.07
CA ASP A 11 -8.52 2.76 19.77
C ASP A 11 -9.47 2.24 18.68
N LEU A 12 -8.97 1.36 17.85
CA LEU A 12 -9.75 0.71 16.81
C LEU A 12 -10.09 -0.70 17.28
N ARG A 13 -11.32 -1.16 17.02
CA ARG A 13 -11.81 -2.44 17.55
C ARG A 13 -11.84 -3.52 16.47
N LEU A 14 -11.38 -4.73 16.83
CA LEU A 14 -11.30 -5.85 15.90
C LEU A 14 -12.67 -6.45 15.60
N HIS A 15 -12.88 -6.78 14.33
CA HIS A 15 -14.06 -7.50 13.84
C HIS A 15 -13.57 -8.60 12.92
N LEU A 16 -13.80 -9.86 13.27
CA LEU A 16 -13.45 -10.94 12.35
C LEU A 16 -14.53 -11.07 11.29
N LEU A 17 -14.15 -11.48 10.08
CA LEU A 17 -15.11 -11.47 8.98
C LEU A 17 -16.23 -12.49 9.21
N LEU A 18 -17.46 -12.06 8.97
CA LEU A 18 -18.62 -12.96 9.12
C LEU A 18 -18.59 -14.06 8.07
N ASN A 19 -18.04 -13.79 6.90
CA ASN A 19 -17.86 -14.81 5.88
C ASN A 19 -16.57 -15.55 6.21
N THR A 20 -16.68 -16.68 6.91
CA THR A 20 -15.48 -17.35 7.38
C THR A 20 -14.75 -18.12 6.28
N SER A 21 -15.25 -18.11 5.05
CA SER A 21 -14.51 -18.69 3.93
CA SER A 21 -14.51 -18.69 3.93
C SER A 21 -13.42 -17.76 3.39
N VAL A 22 -13.36 -16.52 3.87
CA VAL A 22 -12.34 -15.56 3.49
C VAL A 22 -11.33 -15.56 4.63
N THR A 23 -10.15 -16.14 4.40
CA THR A 23 -9.25 -16.50 5.49
C THR A 23 -7.83 -15.98 5.29
N CYS A 24 -7.11 -15.95 6.41
CA CYS A 24 -5.66 -15.80 6.46
C CYS A 24 -4.98 -17.07 5.92
N ASN A 25 -3.63 -17.02 5.85
CA ASN A 25 -2.88 -18.13 5.26
C ASN A 25 -3.26 -19.49 5.84
N ASP A 26 -3.45 -19.57 7.16
CA ASP A 26 -3.63 -20.88 7.81
C ASP A 26 -5.08 -21.29 7.97
N GLY A 27 -6.02 -20.62 7.31
CA GLY A 27 -7.43 -20.96 7.40
C GLY A 27 -8.21 -20.24 8.47
N SER A 28 -7.54 -19.49 9.34
CA SER A 28 -8.23 -18.66 10.33
C SER A 28 -8.90 -17.46 9.64
N PRO A 29 -9.99 -16.95 10.21
CA PRO A 29 -10.71 -15.85 9.53
C PRO A 29 -9.89 -14.58 9.48
N ALA A 30 -9.98 -13.86 8.36
CA ALA A 30 -9.38 -12.53 8.26
C ALA A 30 -10.26 -11.53 9.03
N GLY A 31 -9.88 -10.25 9.02
CA GLY A 31 -10.65 -9.28 9.76
C GLY A 31 -10.21 -7.86 9.49
N TYR A 32 -10.72 -6.94 10.32
CA TYR A 32 -10.41 -5.52 10.21
C TYR A 32 -10.63 -4.86 11.58
N TYR A 33 -9.92 -3.75 11.82
CA TYR A 33 -10.08 -2.92 13.01
C TYR A 33 -10.76 -1.62 12.62
N LEU A 34 -11.78 -1.21 13.38
CA LEU A 34 -12.64 -0.09 13.00
C LEU A 34 -12.84 0.86 14.16
N LYS A 35 -12.73 2.16 13.89
CA LYS A 35 -13.20 3.22 14.79
C LYS A 35 -14.11 4.13 13.98
N GLU A 36 -15.37 4.21 14.34
CA GLU A 36 -16.30 5.02 13.56
C GLU A 36 -16.28 6.47 14.01
N SER A 37 -16.63 7.36 13.09
CA SER A 37 -16.79 8.80 13.36
C SER A 37 -18.15 9.15 12.77
N ARG A 38 -19.19 9.14 13.61
CA ARG A 38 -20.55 9.15 13.10
C ARG A 38 -20.86 10.42 12.31
N GLY A 39 -20.21 11.53 12.62
CA GLY A 39 -20.46 12.75 11.89
C GLY A 39 -19.71 12.92 10.58
N SER A 40 -19.04 11.89 10.07
CA SER A 40 -18.17 12.03 8.91
C SER A 40 -18.60 11.10 7.78
N ARG A 41 -18.44 11.59 6.55
CA ARG A 41 -18.68 10.77 5.36
C ARG A 41 -17.37 10.38 4.68
N ARG A 42 -16.24 10.51 5.38
CA ARG A 42 -14.93 10.12 4.85
C ARG A 42 -14.50 8.81 5.48
N TRP A 43 -14.03 7.87 4.65
CA TRP A 43 -13.63 6.55 5.14
C TRP A 43 -12.21 6.26 4.69
N LEU A 44 -11.34 5.88 5.64
CA LEU A 44 -9.95 5.54 5.36
C LEU A 44 -9.75 4.04 5.61
N LEU A 45 -9.41 3.28 4.56
CA LEU A 45 -9.12 1.85 4.68
C LEU A 45 -7.65 1.61 4.42
N PHE A 46 -6.89 1.24 5.46
CA PHE A 46 -5.43 1.10 5.39
C PHE A 46 -4.99 -0.35 5.29
N LEU A 47 -4.14 -0.63 4.28
CA LEU A 47 -3.57 -1.97 4.05
C LEU A 47 -2.17 -2.08 4.68
N GLU A 48 -2.03 -2.92 5.71
CA GLU A 48 -0.73 -3.20 6.33
C GLU A 48 0.22 -3.86 5.33
N GLY A 49 1.53 -3.67 5.54
CA GLY A 49 2.56 -4.31 4.76
C GLY A 49 3.31 -5.38 5.55
N GLY A 50 4.40 -5.88 4.93
CA GLY A 50 5.26 -6.86 5.59
C GLY A 50 5.79 -7.97 4.70
N TRP A 51 6.44 -7.63 3.59
CA TRP A 51 7.06 -8.60 2.66
C TRP A 51 6.01 -9.59 2.13
N TYR A 52 6.41 -10.84 1.90
CA TYR A 52 5.58 -11.88 1.28
C TYR A 52 6.33 -13.20 1.38
N CYS A 53 5.70 -14.28 0.94
CA CYS A 53 6.40 -15.55 0.78
C CYS A 53 5.92 -16.21 -0.51
N PHE A 54 6.79 -16.99 -1.17
CA PHE A 54 6.45 -17.42 -2.52
C PHE A 54 6.67 -18.92 -2.82
N ASN A 55 6.94 -19.74 -1.81
CA ASN A 55 6.91 -21.20 -2.00
C ASN A 55 6.68 -21.85 -0.63
N ARG A 56 6.62 -23.19 -0.63
CA ARG A 56 6.27 -23.91 0.59
C ARG A 56 7.30 -23.70 1.69
N GLU A 57 8.60 -23.89 1.39
CA GLU A 57 9.58 -23.79 2.48
C GLU A 57 9.68 -22.37 3.02
N ASN A 58 9.62 -21.34 2.17
CA ASN A 58 9.80 -20.02 2.78
C ASN A 58 8.53 -19.54 3.46
N CYS A 59 7.35 -20.01 3.03
CA CYS A 59 6.14 -19.72 3.82
C CYS A 59 6.13 -20.49 5.14
N ASP A 60 6.67 -21.72 5.16
CA ASP A 60 6.80 -22.45 6.42
C ASP A 60 7.71 -21.69 7.41
N SER A 61 8.83 -21.15 6.93
N SER A 61 8.82 -21.12 6.94
CA SER A 61 9.70 -20.37 7.79
CA SER A 61 9.68 -20.38 7.86
C SER A 61 8.98 -19.15 8.36
C SER A 61 9.01 -19.12 8.36
N ARG A 62 8.24 -18.45 7.51
CA ARG A 62 7.44 -17.29 7.93
C ARG A 62 6.39 -17.68 8.98
N TYR A 63 5.81 -18.88 8.87
CA TYR A 63 4.80 -19.29 9.84
C TYR A 63 5.42 -19.51 11.21
N ASP A 64 6.71 -19.83 11.28
CA ASP A 64 7.37 -20.07 12.56
C ASP A 64 7.65 -18.80 13.36
N THR A 65 8.09 -17.71 12.70
CA THR A 65 8.58 -16.55 13.42
C THR A 65 7.93 -15.25 12.95
N MET A 66 6.91 -15.32 12.10
CA MET A 66 6.15 -14.15 11.67
C MET A 66 4.68 -14.52 11.58
N ARG A 67 4.17 -15.24 12.58
CA ARG A 67 2.88 -15.90 12.43
C ARG A 67 1.71 -14.92 12.42
N ARG A 68 1.83 -13.76 13.08
CA ARG A 68 0.74 -12.79 13.04
C ARG A 68 0.50 -12.25 11.62
N LEU A 69 1.46 -12.38 10.71
CA LEU A 69 1.26 -12.06 9.29
C LEU A 69 0.71 -13.24 8.49
N MET A 70 0.29 -14.32 9.16
CA MET A 70 -0.21 -15.51 8.48
C MET A 70 -1.46 -16.09 9.13
N SER A 71 -2.00 -15.45 10.17
CA SER A 71 -2.99 -16.04 11.08
C SER A 71 -3.58 -14.96 11.96
N SER A 72 -4.88 -15.09 12.28
CA SER A 72 -5.57 -14.19 13.22
C SER A 72 -5.66 -14.77 14.63
N ARG A 73 -5.06 -15.94 14.87
CA ARG A 73 -5.27 -16.65 16.12
C ARG A 73 -4.80 -15.85 17.34
N ASP A 74 -3.77 -15.00 17.17
CA ASP A 74 -3.16 -14.27 18.27
C ASP A 74 -3.36 -12.77 18.19
N TRP A 75 -4.26 -12.28 17.32
CA TRP A 75 -4.48 -10.84 17.19
C TRP A 75 -5.10 -10.27 18.46
N PRO A 76 -4.74 -9.05 18.84
CA PRO A 76 -5.37 -8.40 19.99
C PRO A 76 -6.71 -7.79 19.61
N ARG A 77 -7.54 -7.56 20.64
CA ARG A 77 -8.89 -7.05 20.39
C ARG A 77 -8.90 -5.59 19.95
N THR A 78 -7.83 -4.83 20.22
CA THR A 78 -7.78 -3.44 19.81
C THR A 78 -6.40 -3.08 19.25
N ARG A 79 -6.38 -1.99 18.48
CA ARG A 79 -5.18 -1.27 18.05
C ARG A 79 -5.31 0.22 18.28
N THR A 80 -4.18 0.87 18.54
CA THR A 80 -4.12 2.33 18.56
C THR A 80 -3.92 2.88 17.15
N GLY A 81 -4.74 3.85 16.76
CA GLY A 81 -4.55 4.52 15.49
C GLY A 81 -3.41 5.53 15.55
N THR A 82 -2.46 5.41 14.63
CA THR A 82 -1.27 6.25 14.59
C THR A 82 -1.13 6.91 13.22
N GLY A 83 -0.49 8.09 13.21
CA GLY A 83 -0.31 8.81 11.96
C GLY A 83 -1.63 9.18 11.31
N ILE A 84 -1.77 8.84 10.02
CA ILE A 84 -3.01 9.13 9.27
C ILE A 84 -4.23 8.40 9.81
N LEU A 85 -4.03 7.40 10.67
CA LEU A 85 -5.12 6.71 11.36
C LEU A 85 -5.40 7.31 12.73
N SER A 86 -4.67 8.35 13.13
CA SER A 86 -4.93 8.97 14.41
C SER A 86 -6.13 9.89 14.34
N SER A 87 -6.87 9.92 15.44
CA SER A 87 -7.95 10.86 15.61
C SER A 87 -7.50 12.16 16.30
N GLN A 88 -6.10 12.33 16.65
CA GLN A 88 -6.08 13.70 17.20
C GLN A 88 -5.60 14.68 16.14
N PRO A 89 -6.21 15.87 16.07
CA PRO A 89 -5.78 16.86 15.06
C PRO A 89 -4.30 17.19 15.11
N GLU A 90 -3.69 17.10 16.28
CA GLU A 90 -2.29 17.42 16.39
C GLU A 90 -1.41 16.34 15.74
N GLU A 91 -1.79 15.06 15.82
CA GLU A 91 -1.04 14.02 15.13
C GLU A 91 -1.44 13.88 13.67
N ASN A 92 -2.67 14.24 13.31
CA ASN A 92 -3.22 13.99 11.98
C ASN A 92 -3.94 15.25 11.50
N PRO A 93 -3.20 16.24 11.00
CA PRO A 93 -3.84 17.43 10.44
C PRO A 93 -4.71 17.16 9.22
N TYR A 94 -4.57 16.00 8.57
CA TYR A 94 -5.25 15.77 7.30
C TYR A 94 -6.67 15.26 7.50
N TRP A 95 -6.84 14.08 8.10
CA TRP A 95 -8.13 13.39 8.12
C TRP A 95 -8.51 12.93 9.53
N TRP A 96 -8.27 13.77 10.55
CA TRP A 96 -8.47 13.35 11.95
C TRP A 96 -9.91 12.97 12.28
N ASN A 97 -10.90 13.52 11.55
CA ASN A 97 -12.30 13.21 11.86
C ASN A 97 -12.88 12.07 11.02
N ALA A 98 -12.07 11.32 10.29
CA ALA A 98 -12.61 10.31 9.39
C ALA A 98 -12.93 9.03 10.14
N ASN A 99 -13.73 8.17 9.50
CA ASN A 99 -13.90 6.79 9.93
C ASN A 99 -12.62 6.01 9.60
N MET A 100 -12.07 5.29 10.58
CA MET A 100 -10.73 4.71 10.48
C MET A 100 -10.79 3.18 10.42
N VAL A 101 -10.14 2.57 9.43
CA VAL A 101 -10.10 1.11 9.32
C VAL A 101 -8.66 0.67 9.06
N PHE A 102 -8.17 -0.28 9.87
CA PHE A 102 -6.87 -0.93 9.68
C PHE A 102 -7.12 -2.38 9.29
N ILE A 103 -6.69 -2.79 8.09
CA ILE A 103 -6.88 -4.15 7.60
C ILE A 103 -5.56 -4.92 7.77
N PRO A 104 -5.46 -5.85 8.71
CA PRO A 104 -4.19 -6.58 8.89
C PRO A 104 -3.82 -7.46 7.69
N TYR A 105 -2.52 -7.54 7.45
CA TYR A 105 -1.95 -8.28 6.31
C TYR A 105 -1.66 -9.70 6.79
N CYS A 106 -2.50 -10.66 6.42
CA CYS A 106 -2.28 -12.04 6.83
C CYS A 106 -2.34 -13.01 5.65
N SER A 107 -2.10 -12.53 4.42
CA SER A 107 -2.16 -13.35 3.22
C SER A 107 -0.83 -13.51 2.48
N SER A 108 0.20 -12.73 2.83
CA SER A 108 1.59 -12.94 2.34
C SER A 108 1.71 -12.93 0.81
N ASP A 109 0.82 -12.20 0.11
CA ASP A 109 0.66 -12.26 -1.34
C ASP A 109 0.60 -10.87 -1.98
N VAL A 110 1.09 -9.85 -1.29
CA VAL A 110 1.12 -8.45 -1.73
C VAL A 110 -0.33 -8.06 -2.08
N TRP A 111 -1.31 -8.67 -1.39
CA TRP A 111 -2.74 -8.37 -1.55
C TRP A 111 -3.29 -8.74 -2.93
N SER A 112 -2.69 -9.73 -3.59
CA SER A 112 -3.09 -10.11 -4.94
C SER A 112 -3.83 -11.44 -5.04
N GLY A 113 -3.87 -12.25 -3.98
CA GLY A 113 -4.28 -13.64 -4.15
C GLY A 113 -5.78 -13.86 -4.15
N ALA A 114 -6.18 -14.97 -4.77
CA ALA A 114 -7.56 -15.45 -4.71
C ALA A 114 -7.60 -16.97 -4.75
N SER A 115 -6.96 -17.63 -3.77
N SER A 115 -6.93 -17.62 -3.79
CA SER A 115 -6.86 -19.08 -3.75
CA SER A 115 -6.89 -19.07 -3.73
C SER A 115 -7.01 -19.62 -2.33
C SER A 115 -7.13 -19.52 -2.30
N SER A 116 -7.94 -20.57 -2.15
CA SER A 116 -8.27 -21.12 -0.84
C SER A 116 -7.33 -22.26 -0.46
N LYS A 117 -7.20 -22.48 0.85
CA LYS A 117 -6.55 -23.68 1.35
C LYS A 117 -7.42 -24.90 1.05
N SER A 118 -6.81 -25.96 0.55
CA SER A 118 -7.54 -27.13 0.05
C SER A 118 -6.61 -28.34 0.10
N GLU A 119 -7.08 -29.46 -0.48
CA GLU A 119 -6.27 -30.68 -0.45
C GLU A 119 -5.00 -30.54 -1.29
N LYS A 120 -4.93 -29.56 -2.18
CA LYS A 120 -3.77 -29.30 -3.02
C LYS A 120 -2.94 -28.12 -2.53
N ASN A 121 -3.46 -27.29 -1.63
CA ASN A 121 -2.80 -26.07 -1.19
C ASN A 121 -2.66 -26.07 0.33
N GLU A 122 -1.41 -26.03 0.81
CA GLU A 122 -1.16 -25.94 2.26
C GLU A 122 -1.67 -24.62 2.82
N TYR A 123 -1.50 -23.53 2.07
CA TYR A 123 -1.90 -22.21 2.53
C TYR A 123 -2.95 -21.60 1.60
N ALA A 124 -3.74 -20.71 2.18
CA ALA A 124 -4.69 -19.87 1.47
C ALA A 124 -4.05 -18.51 1.19
N PHE A 125 -4.25 -18.00 -0.02
CA PHE A 125 -3.74 -16.68 -0.41
C PHE A 125 -4.92 -15.89 -0.95
N MET A 126 -5.54 -15.07 -0.07
CA MET A 126 -6.84 -14.48 -0.38
C MET A 126 -6.84 -12.95 -0.25
N GLY A 127 -5.67 -12.30 -0.40
CA GLY A 127 -5.59 -10.85 -0.19
C GLY A 127 -6.62 -10.03 -0.96
N ALA A 128 -6.77 -10.31 -2.26
CA ALA A 128 -7.72 -9.53 -3.04
C ALA A 128 -9.15 -9.76 -2.58
N LEU A 129 -9.47 -10.98 -2.14
CA LEU A 129 -10.81 -11.28 -1.64
C LEU A 129 -11.05 -10.72 -0.24
N ILE A 130 -9.99 -10.61 0.57
CA ILE A 130 -10.13 -9.99 1.90
C ILE A 130 -10.58 -8.54 1.75
N ILE A 131 -9.94 -7.77 0.86
CA ILE A 131 -10.33 -6.38 0.64
C ILE A 131 -11.79 -6.29 0.22
N GLN A 132 -12.21 -7.13 -0.73
CA GLN A 132 -13.60 -7.09 -1.21
C GLN A 132 -14.60 -7.42 -0.10
N GLU A 133 -14.25 -8.36 0.79
CA GLU A 133 -15.15 -8.75 1.87
C GLU A 133 -15.23 -7.69 2.97
N VAL A 134 -14.10 -7.04 3.27
CA VAL A 134 -14.11 -5.94 4.22
C VAL A 134 -15.03 -4.82 3.72
N VAL A 135 -14.90 -4.46 2.44
CA VAL A 135 -15.76 -3.43 1.87
C VAL A 135 -17.23 -3.82 1.96
N ARG A 136 -17.56 -5.07 1.63
CA ARG A 136 -18.96 -5.50 1.69
C ARG A 136 -19.52 -5.37 3.10
N GLU A 137 -18.79 -5.88 4.10
CA GLU A 137 -19.33 -5.88 5.45
C GLU A 137 -19.40 -4.46 6.03
N LEU A 138 -18.51 -3.56 5.60
CA LEU A 138 -18.54 -2.19 6.11
C LEU A 138 -19.75 -1.40 5.60
N LEU A 139 -20.28 -1.74 4.41
CA LEU A 139 -21.41 -0.99 3.89
C LEU A 139 -22.58 -1.00 4.88
N GLY A 140 -22.77 -2.12 5.60
CA GLY A 140 -23.79 -2.21 6.63
C GLY A 140 -23.47 -1.53 7.94
N ARG A 141 -22.27 -0.94 8.07
CA ARG A 141 -21.86 -0.24 9.28
C ARG A 141 -21.66 1.25 9.06
N GLY A 142 -22.13 1.80 7.94
CA GLY A 142 -21.94 3.21 7.68
C GLY A 142 -21.33 3.57 6.35
N LEU A 143 -20.58 2.66 5.72
CA LEU A 143 -19.90 2.98 4.47
C LEU A 143 -20.88 3.29 3.35
N SER A 144 -22.11 2.76 3.41
CA SER A 144 -23.12 3.07 2.39
C SER A 144 -23.41 4.57 2.29
N GLY A 145 -23.13 5.35 3.34
CA GLY A 145 -23.33 6.79 3.31
C GLY A 145 -22.11 7.62 2.97
N ALA A 146 -21.01 7.01 2.54
CA ALA A 146 -19.76 7.75 2.36
C ALA A 146 -19.79 8.65 1.13
N LYS A 147 -18.99 9.72 1.20
CA LYS A 147 -18.64 10.55 0.05
C LYS A 147 -17.28 10.21 -0.56
N VAL A 148 -16.32 9.77 0.24
CA VAL A 148 -15.01 9.39 -0.28
C VAL A 148 -14.52 8.17 0.49
N LEU A 149 -14.00 7.19 -0.26
CA LEU A 149 -13.32 6.03 0.32
C LEU A 149 -11.88 6.12 -0.15
N LEU A 150 -10.95 6.34 0.78
CA LEU A 150 -9.53 6.41 0.47
C LEU A 150 -8.91 5.07 0.85
N LEU A 151 -8.43 4.32 -0.16
CA LEU A 151 -7.72 3.06 0.05
C LEU A 151 -6.24 3.36 0.14
N ALA A 152 -5.67 3.22 1.33
CA ALA A 152 -4.26 3.54 1.57
C ALA A 152 -3.51 2.28 2.04
N GLY A 153 -2.18 2.37 2.03
CA GLY A 153 -1.34 1.22 2.40
C GLY A 153 0.14 1.55 2.34
N SER A 154 0.92 0.81 3.15
CA SER A 154 2.37 0.98 3.24
C SER A 154 3.10 -0.31 2.85
N SER A 155 4.22 -0.14 2.13
CA SER A 155 5.12 -1.23 1.67
C SER A 155 4.32 -2.21 0.82
N ALA A 156 4.25 -3.50 1.18
CA ALA A 156 3.40 -4.42 0.43
C ALA A 156 1.96 -3.92 0.34
N GLY A 157 1.48 -3.18 1.36
CA GLY A 157 0.15 -2.60 1.28
C GLY A 157 0.05 -1.43 0.31
N GLY A 158 1.15 -0.71 0.11
CA GLY A 158 1.16 0.32 -0.93
C GLY A 158 1.06 -0.28 -2.32
N THR A 159 1.80 -1.36 -2.59
CA THR A 159 1.61 -2.07 -3.86
C THR A 159 0.18 -2.61 -3.95
N GLY A 160 -0.37 -3.07 -2.81
CA GLY A 160 -1.74 -3.55 -2.77
C GLY A 160 -2.77 -2.50 -3.19
N VAL A 161 -2.52 -1.22 -2.85
CA VAL A 161 -3.42 -0.15 -3.31
C VAL A 161 -3.46 -0.10 -4.83
N LEU A 162 -2.28 -0.12 -5.45
CA LEU A 162 -2.20 -0.06 -6.91
C LEU A 162 -2.91 -1.24 -7.57
N LEU A 163 -2.82 -2.43 -6.96
CA LEU A 163 -3.44 -3.64 -7.51
C LEU A 163 -4.95 -3.68 -7.31
N ASN A 164 -5.49 -2.98 -6.31
CA ASN A 164 -6.89 -3.16 -5.93
C ASN A 164 -7.79 -1.93 -6.00
N VAL A 165 -7.27 -0.71 -6.15
CA VAL A 165 -8.13 0.48 -6.06
C VAL A 165 -9.24 0.48 -7.13
N ASP A 166 -8.91 0.12 -8.38
CA ASP A 166 -9.94 0.11 -9.42
C ASP A 166 -10.96 -1.00 -9.20
N ARG A 167 -10.55 -2.11 -8.57
CA ARG A 167 -11.53 -3.17 -8.32
C ARG A 167 -12.51 -2.77 -7.22
N VAL A 168 -12.05 -2.03 -6.21
CA VAL A 168 -12.97 -1.49 -5.21
C VAL A 168 -13.95 -0.53 -5.88
N ALA A 169 -13.48 0.31 -6.79
CA ALA A 169 -14.38 1.24 -7.46
C ALA A 169 -15.43 0.49 -8.27
N GLU A 170 -15.02 -0.54 -9.00
CA GLU A 170 -15.95 -1.33 -9.80
C GLU A 170 -16.94 -2.09 -8.92
N GLN A 171 -16.47 -2.56 -7.75
CA GLN A 171 -17.32 -3.27 -6.80
C GLN A 171 -18.46 -2.38 -6.31
N LEU A 172 -18.15 -1.13 -5.95
CA LEU A 172 -19.18 -0.23 -5.44
C LEU A 172 -20.12 0.23 -6.54
N GLU A 173 -19.60 0.40 -7.76
CA GLU A 173 -20.47 0.77 -8.88
C GLU A 173 -21.47 -0.35 -9.17
N LYS A 174 -21.03 -1.60 -9.13
CA LYS A 174 -21.93 -2.70 -9.45
C LYS A 174 -22.98 -2.91 -8.37
N LEU A 175 -22.66 -2.54 -7.12
CA LEU A 175 -23.58 -2.69 -6.02
C LEU A 175 -24.58 -1.54 -5.92
N GLY A 176 -24.47 -0.54 -6.77
CA GLY A 176 -25.40 0.57 -6.78
C GLY A 176 -24.98 1.79 -6.01
N TYR A 177 -23.67 2.04 -5.87
CA TYR A 177 -23.14 3.20 -5.14
C TYR A 177 -22.26 4.06 -6.04
N PRO A 178 -22.81 4.64 -7.11
CA PRO A 178 -21.96 5.43 -8.02
C PRO A 178 -21.48 6.75 -7.43
N ALA A 179 -21.97 7.14 -6.25
CA ALA A 179 -21.64 8.43 -5.66
C ALA A 179 -20.46 8.39 -4.71
N ILE A 180 -20.01 7.21 -4.31
CA ILE A 180 -18.83 7.09 -3.46
C ILE A 180 -17.60 7.24 -4.34
N GLN A 181 -16.77 8.24 -4.06
CA GLN A 181 -15.55 8.47 -4.84
C GLN A 181 -14.43 7.63 -4.22
N VAL A 182 -13.94 6.64 -4.95
CA VAL A 182 -12.84 5.79 -4.51
C VAL A 182 -11.52 6.39 -5.00
N ARG A 183 -10.54 6.49 -4.10
CA ARG A 183 -9.22 7.09 -4.36
C ARG A 183 -8.17 6.22 -3.70
N GLY A 184 -6.92 6.36 -4.12
CA GLY A 184 -5.83 5.57 -3.55
C GLY A 184 -4.66 6.39 -3.06
N LEU A 185 -4.01 5.88 -2.00
CA LEU A 185 -2.80 6.45 -1.41
C LEU A 185 -1.77 5.34 -1.22
N ALA A 186 -0.75 5.30 -2.09
CA ALA A 186 0.23 4.21 -2.09
C ALA A 186 1.56 4.72 -1.51
N ASP A 187 1.95 4.17 -0.35
CA ASP A 187 3.14 4.59 0.41
C ASP A 187 4.19 3.48 0.36
N SER A 188 5.39 3.80 -0.13
CA SER A 188 6.51 2.83 -0.16
C SER A 188 6.18 1.56 -0.93
N GLY A 189 5.34 1.65 -1.96
CA GLY A 189 5.02 0.51 -2.77
C GLY A 189 5.37 0.64 -4.24
N TRP A 190 6.23 1.61 -4.56
CA TRP A 190 6.60 1.96 -5.94
C TRP A 190 8.04 1.50 -6.19
N PHE A 191 8.20 0.27 -6.68
CA PHE A 191 9.50 -0.37 -6.86
C PHE A 191 9.98 -0.32 -8.31
N LEU A 192 11.29 -0.51 -8.49
CA LEU A 192 11.91 -0.57 -9.81
C LEU A 192 12.47 -1.97 -10.06
N ASP A 193 12.26 -2.47 -11.28
CA ASP A 193 12.82 -3.75 -11.73
C ASP A 193 14.19 -3.52 -12.38
N ASN A 194 15.13 -3.05 -11.56
CA ASN A 194 16.47 -2.65 -12.00
C ASN A 194 17.50 -3.76 -11.74
N LYS A 195 18.71 -3.56 -12.28
CA LYS A 195 19.87 -4.43 -12.03
C LYS A 195 20.28 -4.35 -10.56
N GLN A 196 20.55 -5.50 -9.94
CA GLN A 196 21.13 -5.48 -8.61
C GLN A 196 22.56 -4.93 -8.65
N TYR A 197 23.00 -4.39 -7.50
CA TYR A 197 24.36 -3.90 -7.38
C TYR A 197 25.38 -5.04 -7.43
N ARG A 198 25.07 -6.16 -6.75
CA ARG A 198 25.81 -7.41 -6.84
C ARG A 198 24.80 -8.53 -7.07
N HIS A 199 25.15 -9.46 -7.96
CA HIS A 199 24.21 -10.45 -8.49
C HIS A 199 24.02 -11.64 -7.56
N PRO A 210 13.60 -9.47 -7.49
CA PRO A 210 12.19 -9.07 -7.39
C PRO A 210 11.32 -9.57 -8.54
N THR A 211 11.78 -9.40 -9.78
CA THR A 211 10.99 -9.88 -10.91
C THR A 211 10.76 -11.38 -10.81
N GLU A 212 11.82 -12.15 -10.53
CA GLU A 212 11.64 -13.59 -10.41
C GLU A 212 10.83 -13.95 -9.17
N ALA A 213 11.01 -13.22 -8.06
CA ALA A 213 10.21 -13.48 -6.87
C ALA A 213 8.73 -13.28 -7.15
N ILE A 214 8.37 -12.15 -7.77
CA ILE A 214 6.97 -11.88 -8.11
C ILE A 214 6.46 -12.89 -9.13
N ARG A 215 7.29 -13.25 -10.11
CA ARG A 215 6.87 -14.26 -11.08
C ARG A 215 6.55 -15.58 -10.38
N ARG A 216 7.40 -16.01 -9.44
CA ARG A 216 7.10 -17.21 -8.66
C ARG A 216 5.82 -17.03 -7.85
N GLY A 217 5.69 -15.90 -7.17
CA GLY A 217 4.57 -15.71 -6.26
C GLY A 217 3.22 -15.75 -6.97
N ILE A 218 3.10 -15.04 -8.10
CA ILE A 218 1.84 -15.00 -8.83
C ILE A 218 1.30 -16.38 -9.12
N ARG A 219 2.18 -17.30 -9.53
CA ARG A 219 1.72 -18.66 -9.81
C ARG A 219 1.34 -19.39 -8.53
N TYR A 220 2.14 -19.22 -7.47
CA TYR A 220 1.87 -19.90 -6.21
C TYR A 220 0.59 -19.37 -5.54
N TRP A 221 0.30 -18.09 -5.70
CA TRP A 221 -0.84 -17.45 -5.05
C TRP A 221 -2.12 -17.50 -5.88
N ASN A 222 -2.01 -17.80 -7.18
CA ASN A 222 -3.08 -17.50 -8.13
C ASN A 222 -3.38 -16.01 -8.08
N GLY A 223 -2.34 -15.21 -8.28
CA GLY A 223 -2.45 -13.77 -8.10
C GLY A 223 -3.21 -13.10 -9.24
N VAL A 224 -3.89 -12.00 -8.90
CA VAL A 224 -4.73 -11.26 -9.83
C VAL A 224 -4.23 -9.81 -9.93
N VAL A 225 -4.25 -9.27 -11.14
CA VAL A 225 -3.81 -7.88 -11.39
C VAL A 225 -4.92 -7.08 -12.04
N PRO A 226 -4.81 -5.75 -12.11
CA PRO A 226 -5.90 -4.94 -12.70
C PRO A 226 -6.10 -5.25 -14.19
N GLU A 227 -7.37 -5.16 -14.62
CA GLU A 227 -7.79 -5.71 -15.91
C GLU A 227 -7.06 -5.07 -17.09
N ARG A 228 -6.99 -3.74 -17.13
CA ARG A 228 -6.39 -3.09 -18.28
C ARG A 228 -4.88 -3.40 -18.38
N CYS A 229 -4.20 -3.45 -17.23
CA CYS A 229 -2.78 -3.82 -17.23
C CYS A 229 -2.60 -5.27 -17.68
N ARG A 230 -3.48 -6.16 -17.23
CA ARG A 230 -3.42 -7.56 -17.66
C ARG A 230 -3.60 -7.68 -19.17
N ARG A 231 -4.47 -6.84 -19.75
CA ARG A 231 -4.72 -6.92 -21.19
C ARG A 231 -3.53 -6.42 -22.00
N GLN A 232 -2.71 -5.53 -21.40
CA GLN A 232 -1.50 -5.06 -22.08
C GLN A 232 -0.38 -6.11 -22.07
N PHE A 233 -0.05 -6.65 -20.90
CA PHE A 233 1.10 -7.53 -20.77
C PHE A 233 0.77 -9.00 -21.10
N GLN A 234 -0.48 -9.42 -20.91
CA GLN A 234 -1.02 -10.72 -21.29
C GLN A 234 -0.45 -11.87 -20.46
N GLU A 235 -0.84 -13.09 -20.84
CA GLU A 235 -0.54 -14.26 -20.01
C GLU A 235 0.96 -14.49 -19.86
N GLY A 236 1.36 -14.88 -18.65
CA GLY A 236 2.74 -15.12 -18.33
C GLY A 236 3.54 -13.89 -17.97
N GLU A 237 3.00 -12.69 -18.24
CA GLU A 237 3.72 -11.44 -18.02
C GLU A 237 3.02 -10.54 -17.02
N GLU A 238 2.05 -11.06 -16.26
CA GLU A 238 1.31 -10.25 -15.31
C GLU A 238 2.19 -9.67 -14.20
N TRP A 239 3.36 -10.26 -13.94
CA TRP A 239 4.27 -9.72 -12.93
C TRP A 239 4.62 -8.26 -13.20
N ASN A 240 4.56 -7.83 -14.47
CA ASN A 240 4.85 -6.44 -14.79
C ASN A 240 3.93 -5.48 -14.04
N CYS A 241 2.69 -5.91 -13.78
CA CYS A 241 1.72 -5.01 -13.14
C CYS A 241 1.94 -4.81 -11.64
N PHE A 242 2.91 -5.50 -11.02
CA PHE A 242 3.27 -5.20 -9.65
C PHE A 242 4.25 -4.02 -9.52
N PHE A 243 4.72 -3.46 -10.64
CA PHE A 243 5.66 -2.35 -10.62
C PHE A 243 4.91 -1.06 -10.95
N GLY A 244 4.92 -0.13 -9.98
CA GLY A 244 4.10 1.07 -10.07
C GLY A 244 4.18 1.82 -11.39
N TYR A 245 5.39 2.04 -11.90
CA TYR A 245 5.49 2.86 -13.10
C TYR A 245 4.86 2.19 -14.33
N LYS A 246 4.62 0.88 -14.28
CA LYS A 246 3.94 0.16 -15.36
C LYS A 246 2.42 0.07 -15.15
N VAL A 247 1.97 -0.10 -13.91
CA VAL A 247 0.54 -0.26 -13.70
C VAL A 247 -0.20 1.06 -13.50
N TYR A 248 0.46 2.07 -12.90
CA TYR A 248 -0.18 3.38 -12.66
C TYR A 248 -0.84 3.96 -13.91
N PRO A 249 -0.19 4.02 -15.09
CA PRO A 249 -0.85 4.64 -16.26
C PRO A 249 -2.11 3.94 -16.72
N THR A 250 -2.38 2.73 -16.27
CA THR A 250 -3.59 2.02 -16.66
C THR A 250 -4.77 2.26 -15.71
N LEU A 251 -4.56 2.93 -14.57
CA LEU A 251 -5.58 3.07 -13.55
C LEU A 251 -6.52 4.26 -13.82
N ARG A 252 -7.78 4.09 -13.44
CA ARG A 252 -8.76 5.16 -13.59
C ARG A 252 -9.01 5.96 -12.31
N SER A 253 -8.91 5.34 -11.14
CA SER A 253 -9.11 6.04 -9.87
C SER A 253 -7.94 6.98 -9.60
N PRO A 254 -8.19 8.14 -8.97
CA PRO A 254 -7.09 9.03 -8.58
C PRO A 254 -6.19 8.38 -7.53
N VAL A 255 -4.87 8.39 -7.76
CA VAL A 255 -3.90 7.78 -6.84
C VAL A 255 -2.78 8.76 -6.50
N PHE A 256 -2.58 9.00 -5.19
CA PHE A 256 -1.47 9.80 -4.67
C PHE A 256 -0.32 8.85 -4.30
N VAL A 257 0.89 9.12 -4.78
CA VAL A 257 2.04 8.22 -4.60
C VAL A 257 3.04 8.87 -3.66
N VAL A 258 3.28 8.23 -2.51
CA VAL A 258 4.32 8.62 -1.56
C VAL A 258 5.48 7.63 -1.67
N GLN A 259 6.70 8.12 -1.91
CA GLN A 259 7.81 7.19 -2.13
C GLN A 259 9.16 7.84 -1.77
N TRP A 260 9.85 7.30 -0.76
CA TRP A 260 11.24 7.71 -0.55
C TRP A 260 12.07 7.37 -1.80
N LEU A 261 12.92 8.32 -2.22
CA LEU A 261 13.77 8.06 -3.38
C LEU A 261 14.77 6.94 -3.12
N PHE A 262 15.19 6.73 -1.88
CA PHE A 262 16.14 5.68 -1.56
C PHE A 262 15.53 4.74 -0.54
N ASP A 263 14.46 4.05 -0.93
CA ASP A 263 13.76 3.16 -0.01
C ASP A 263 14.63 1.99 0.42
N GLU A 264 14.65 1.71 1.74
CA GLU A 264 15.47 0.62 2.28
C GLU A 264 15.09 -0.74 1.69
N ALA A 265 13.81 -0.96 1.38
CA ALA A 265 13.42 -2.25 0.78
C ALA A 265 13.97 -2.38 -0.65
N GLN A 266 13.93 -1.28 -1.41
CA GLN A 266 14.54 -1.26 -2.74
C GLN A 266 16.04 -1.56 -2.67
N LEU A 267 16.74 -0.91 -1.73
CA LEU A 267 18.18 -1.17 -1.60
C LEU A 267 18.45 -2.61 -1.17
N THR A 268 17.59 -3.16 -0.32
CA THR A 268 17.75 -4.55 0.11
C THR A 268 17.65 -5.51 -1.07
N VAL A 269 16.55 -5.43 -1.85
CA VAL A 269 16.42 -6.34 -2.97
C VAL A 269 17.48 -6.06 -4.04
N ASP A 270 18.10 -4.88 -4.03
CA ASP A 270 19.22 -4.58 -4.93
C ASP A 270 20.57 -5.04 -4.38
N ASN A 271 20.58 -5.67 -3.20
CA ASN A 271 21.80 -6.13 -2.51
C ASN A 271 22.79 -4.99 -2.26
N VAL A 272 22.27 -3.88 -1.73
CA VAL A 272 23.08 -2.75 -1.26
C VAL A 272 22.97 -2.68 0.25
N HIS A 273 24.11 -2.63 0.94
CA HIS A 273 24.14 -2.43 2.39
C HIS A 273 24.99 -1.21 2.77
N PRO A 278 32.11 4.10 4.23
CA PRO A 278 33.06 4.67 3.29
C PRO A 278 32.78 4.32 1.83
N VAL A 279 31.87 5.08 1.21
CA VAL A 279 31.26 4.70 -0.06
C VAL A 279 32.21 5.04 -1.21
N GLN A 280 32.61 4.03 -1.98
CA GLN A 280 33.50 4.23 -3.11
C GLN A 280 32.71 4.56 -4.39
N GLU A 281 33.44 4.83 -5.46
CA GLU A 281 32.85 5.43 -6.66
C GLU A 281 31.74 4.54 -7.26
N GLY A 282 31.98 3.23 -7.37
CA GLY A 282 30.99 2.37 -7.99
C GLY A 282 29.65 2.40 -7.28
N LEU A 283 29.66 2.32 -5.95
CA LEU A 283 28.41 2.34 -5.20
C LEU A 283 27.78 3.74 -5.21
N ARG A 284 28.60 4.79 -5.16
CA ARG A 284 28.08 6.15 -5.24
C ARG A 284 27.29 6.36 -6.52
N LEU A 285 27.86 5.92 -7.64
CA LEU A 285 27.17 6.05 -8.93
C LEU A 285 25.89 5.22 -8.95
N TYR A 286 25.90 4.00 -8.39
CA TYR A 286 24.70 3.16 -8.35
C TYR A 286 23.56 3.85 -7.60
N ILE A 287 23.87 4.40 -6.42
CA ILE A 287 22.85 5.05 -5.59
C ILE A 287 22.32 6.31 -6.27
N GLN A 288 23.21 7.10 -6.88
CA GLN A 288 22.78 8.32 -7.55
C GLN A 288 21.91 8.00 -8.76
N ASN A 289 22.25 6.95 -9.51
CA ASN A 289 21.44 6.54 -10.64
C ASN A 289 20.08 6.01 -10.21
N LEU A 290 20.02 5.31 -9.07
CA LEU A 290 18.72 4.82 -8.56
C LEU A 290 17.80 5.97 -8.19
N GLY A 291 18.33 7.02 -7.56
CA GLY A 291 17.49 8.17 -7.25
C GLY A 291 17.00 8.88 -8.50
N ARG A 292 17.87 9.05 -9.50
CA ARG A 292 17.47 9.71 -10.73
C ARG A 292 16.42 8.91 -11.48
N GLU A 293 16.54 7.58 -11.49
CA GLU A 293 15.56 6.74 -12.16
C GLU A 293 14.20 6.82 -11.47
N LEU A 294 14.18 6.78 -10.14
N LEU A 294 14.17 6.80 -10.14
CA LEU A 294 12.92 6.91 -9.41
CA LEU A 294 12.88 6.90 -9.47
C LEU A 294 12.25 8.24 -9.71
C LEU A 294 12.23 8.25 -9.73
N ARG A 295 13.02 9.33 -9.62
CA ARG A 295 12.47 10.66 -9.94
C ARG A 295 11.92 10.72 -11.36
N HIS A 296 12.58 10.05 -12.31
CA HIS A 296 12.08 10.03 -13.69
C HIS A 296 10.72 9.34 -13.80
N THR A 297 10.52 8.25 -13.08
CA THR A 297 9.24 7.54 -13.18
C THR A 297 8.09 8.32 -12.58
N LEU A 298 8.39 9.33 -11.76
CA LEU A 298 7.36 10.17 -11.13
C LEU A 298 7.11 11.47 -11.87
N LYS A 299 7.85 11.74 -12.96
CA LYS A 299 7.74 13.05 -13.62
C LYS A 299 6.30 13.41 -13.97
N ASP A 300 5.53 12.44 -14.46
CA ASP A 300 4.17 12.67 -14.92
C ASP A 300 3.13 12.04 -13.97
N VAL A 301 3.46 11.93 -12.69
CA VAL A 301 2.48 11.54 -11.67
C VAL A 301 2.08 12.83 -10.96
N PRO A 302 0.87 13.36 -11.18
CA PRO A 302 0.57 14.72 -10.70
C PRO A 302 0.37 14.82 -9.19
N ALA A 303 0.00 13.75 -8.50
CA ALA A 303 -0.13 13.79 -7.04
C ALA A 303 0.93 12.85 -6.48
N SER A 304 2.02 13.42 -5.96
CA SER A 304 3.11 12.58 -5.46
C SER A 304 3.94 13.35 -4.44
N PHE A 305 4.62 12.60 -3.57
CA PHE A 305 5.44 13.15 -2.50
C PHE A 305 6.65 12.22 -2.37
N ALA A 306 7.83 12.70 -2.77
CA ALA A 306 9.00 11.83 -2.92
C ALA A 306 10.27 12.48 -2.39
N PRO A 307 10.54 12.35 -1.09
CA PRO A 307 11.73 12.98 -0.50
C PRO A 307 13.00 12.18 -0.70
N ALA A 308 14.14 12.90 -0.69
CA ALA A 308 15.46 12.29 -0.89
C ALA A 308 16.04 11.81 0.45
N CYS A 309 15.46 10.71 0.95
CA CYS A 309 15.82 10.09 2.21
C CYS A 309 16.00 8.58 2.04
N LEU A 310 16.86 8.01 2.89
CA LEU A 310 16.97 6.57 3.04
C LEU A 310 16.08 6.19 4.23
N SER A 311 14.92 5.59 3.96
CA SER A 311 13.94 5.27 5.02
C SER A 311 12.94 4.23 4.46
N HIS A 312 11.88 3.96 5.22
CA HIS A 312 10.92 2.93 4.83
C HIS A 312 9.57 3.20 5.50
N GLU A 313 8.52 3.40 4.71
CA GLU A 313 7.17 3.75 5.14
C GLU A 313 7.09 5.14 5.79
N ILE A 314 5.86 5.67 5.93
CA ILE A 314 5.64 6.96 6.60
C ILE A 314 4.24 7.18 7.13
N ILE A 315 3.20 6.76 6.39
CA ILE A 315 1.90 7.38 6.67
C ILE A 315 1.25 6.94 7.99
N ILE A 316 1.59 5.80 8.58
CA ILE A 316 1.06 5.54 9.93
C ILE A 316 2.13 5.70 11.00
N ARG A 317 3.24 6.35 10.68
CA ARG A 317 4.23 6.68 11.70
C ARG A 317 3.83 7.96 12.45
N SER A 318 4.05 7.96 13.77
CA SER A 318 3.58 9.06 14.60
C SER A 318 4.11 10.40 14.13
N HIS A 319 5.37 10.45 13.67
CA HIS A 319 6.00 11.71 13.29
C HIS A 319 5.93 11.96 11.80
N TRP A 320 4.82 11.62 11.14
CA TRP A 320 4.79 11.66 9.69
C TRP A 320 4.62 13.12 9.27
N THR A 321 4.29 13.99 10.23
CA THR A 321 4.10 15.42 9.99
C THR A 321 5.42 16.17 9.83
N ASP A 322 6.55 15.55 10.15
CA ASP A 322 7.82 16.29 10.22
C ASP A 322 8.50 16.50 8.87
N VAL A 323 8.33 15.60 7.91
CA VAL A 323 9.10 15.67 6.67
C VAL A 323 8.43 16.65 5.70
N GLN A 324 9.26 17.36 4.93
CA GLN A 324 8.80 18.40 4.00
C GLN A 324 9.61 18.33 2.72
N VAL A 325 8.94 18.62 1.59
CA VAL A 325 9.59 18.80 0.29
C VAL A 325 9.23 20.18 -0.22
N LYS A 326 10.24 20.96 -0.60
CA LYS A 326 10.04 22.34 -1.07
C LYS A 326 9.18 23.15 -0.10
N GLY A 327 9.32 22.87 1.21
CA GLY A 327 8.62 23.59 2.26
C GLY A 327 7.22 23.10 2.60
N THR A 328 6.73 22.03 1.98
CA THR A 328 5.37 21.55 2.17
C THR A 328 5.41 20.17 2.82
N SER A 329 4.63 20.00 3.90
CA SER A 329 4.58 18.72 4.57
C SER A 329 3.65 17.75 3.83
N LEU A 330 3.72 16.46 4.21
CA LEU A 330 2.84 15.47 3.58
C LEU A 330 1.37 15.66 3.94
N PRO A 331 0.99 15.90 5.22
CA PRO A 331 -0.42 16.21 5.48
C PRO A 331 -0.93 17.40 4.70
N ARG A 332 -0.09 18.42 4.48
CA ARG A 332 -0.53 19.55 3.66
C ARG A 332 -0.75 19.13 2.21
N ALA A 333 0.20 18.37 1.64
CA ALA A 333 0.08 17.96 0.24
C ALA A 333 -1.20 17.18 0.01
N LEU A 334 -1.56 16.30 0.97
CA LEU A 334 -2.78 15.51 0.84
C LEU A 334 -4.02 16.39 0.95
N HIS A 335 -3.98 17.41 1.82
CA HIS A 335 -5.07 18.40 1.87
C HIS A 335 -5.20 19.14 0.54
N CYS A 336 -4.08 19.58 -0.05
CA CYS A 336 -4.10 20.20 -1.37
C CYS A 336 -4.67 19.27 -2.45
N TRP A 337 -4.32 17.98 -2.39
CA TRP A 337 -4.94 16.97 -3.26
C TRP A 337 -6.47 16.97 -3.10
N ASP A 338 -6.96 16.89 -1.86
CA ASP A 338 -8.41 16.95 -1.67
C ASP A 338 -9.02 18.16 -2.36
N ARG A 339 -8.38 19.34 -2.24
CA ARG A 339 -8.95 20.56 -2.84
C ARG A 339 -8.97 20.47 -4.36
N SER A 340 -7.90 19.92 -4.95
CA SER A 340 -7.82 19.78 -6.39
C SER A 340 -8.89 18.86 -6.96
N LEU A 341 -9.43 17.95 -6.14
CA LEU A 341 -10.46 17.03 -6.61
C LEU A 341 -11.87 17.54 -6.38
N HIS A 342 -12.02 18.78 -5.89
CA HIS A 342 -13.32 19.44 -5.93
C HIS A 342 -13.80 19.59 -7.37
N PRO A 351 -4.64 25.06 -11.13
CA PRO A 351 -3.74 24.81 -10.00
C PRO A 351 -3.84 25.80 -8.83
N LEU A 352 -3.58 25.29 -7.64
CA LEU A 352 -3.87 25.99 -6.39
C LEU A 352 -2.68 26.83 -5.94
N LYS A 353 -2.96 28.06 -5.52
CA LYS A 353 -1.92 29.02 -5.21
C LYS A 353 -1.31 28.65 -3.86
N GLY A 354 -0.02 28.33 -3.85
CA GLY A 354 0.65 27.97 -2.61
C GLY A 354 0.21 26.66 -1.98
N CYS A 355 -0.46 25.77 -2.71
CA CYS A 355 -0.93 24.53 -2.09
C CYS A 355 -0.68 23.42 -3.13
N PRO A 356 0.58 22.99 -3.23
CA PRO A 356 0.99 22.06 -4.29
C PRO A 356 0.63 20.61 -4.00
N VAL A 357 0.60 19.81 -5.07
CA VAL A 357 0.30 18.39 -4.97
C VAL A 357 1.41 17.50 -5.54
N HIS A 358 2.28 18.00 -6.43
CA HIS A 358 3.40 17.26 -7.00
C HIS A 358 4.68 17.75 -6.34
N LEU A 359 5.29 16.92 -5.49
CA LEU A 359 6.44 17.32 -4.67
C LEU A 359 7.52 16.25 -4.74
N VAL A 360 8.54 16.48 -5.58
CA VAL A 360 9.60 15.49 -5.79
C VAL A 360 10.94 16.20 -5.59
N ASP A 361 11.76 15.71 -4.66
CA ASP A 361 13.09 16.29 -4.43
C ASP A 361 13.96 16.13 -5.66
N SER A 362 14.85 17.10 -5.88
CA SER A 362 15.83 17.01 -6.96
C SER A 362 17.25 16.76 -6.48
N CYS A 363 17.54 16.91 -5.20
CA CYS A 363 18.91 16.73 -4.74
C CYS A 363 19.29 15.24 -4.75
N PRO A 364 20.55 14.90 -5.05
CA PRO A 364 20.87 13.55 -5.55
C PRO A 364 21.34 12.51 -4.53
N TRP A 365 21.39 12.80 -3.22
CA TRP A 365 22.00 11.89 -2.23
C TRP A 365 21.14 11.76 -0.97
N PRO A 366 21.07 10.56 -0.36
CA PRO A 366 20.30 10.42 0.89
C PRO A 366 20.62 11.48 1.93
N HIS A 367 19.54 12.11 2.38
CA HIS A 367 19.42 12.98 3.55
C HIS A 367 19.96 14.34 3.11
N CYS A 368 20.00 14.60 1.78
CA CYS A 368 20.23 15.96 1.28
C CYS A 368 19.04 16.86 1.58
N ASN A 369 17.90 16.24 1.92
CA ASN A 369 16.74 16.96 2.47
C ASN A 369 16.90 17.01 3.99
N PRO A 370 16.99 18.19 4.61
CA PRO A 370 17.27 18.25 6.04
C PRO A 370 16.14 17.73 6.92
N SER A 371 14.94 17.54 6.39
CA SER A 371 13.82 17.08 7.20
C SER A 371 13.67 15.55 7.19
N CYS A 372 14.64 14.82 6.61
CA CYS A 372 14.55 13.36 6.58
C CYS A 372 14.49 12.77 7.99
N PRO A 373 13.83 11.62 8.15
CA PRO A 373 13.85 10.94 9.46
C PRO A 373 15.28 10.64 9.89
N THR A 374 15.56 10.90 11.16
CA THR A 374 16.91 10.69 11.68
C THR A 374 17.10 9.23 12.05
S SO4 B . 4.63 -13.90 15.91
O1 SO4 B . 4.05 -12.95 14.94
O2 SO4 B . 3.53 -14.58 16.60
O3 SO4 B . 5.45 -14.91 15.23
O4 SO4 B . 5.45 -13.11 16.83
C1 NAG C . -17.92 -15.59 0.99
C2 NAG C . -19.18 -15.38 0.12
C3 NAG C . -19.06 -16.14 -1.21
C4 NAG C . -17.73 -15.85 -1.90
C5 NAG C . -16.59 -16.12 -0.94
C6 NAG C . -15.23 -15.82 -1.53
C7 NAG C . -21.24 -14.98 1.38
C8 NAG C . -22.40 -15.60 2.09
N2 NAG C . -20.36 -15.82 0.85
O3 NAG C . -20.12 -15.74 -2.06
O4 NAG C . -17.60 -16.67 -3.06
O5 NAG C . -16.74 -15.28 0.21
O6 NAG C . -15.08 -14.45 -1.86
O7 NAG C . -21.12 -13.75 1.31
S SO4 D . 10.74 19.42 -9.94
O1 SO4 D . 9.79 18.36 -9.59
O2 SO4 D . 10.02 20.69 -10.04
O3 SO4 D . 11.37 19.12 -11.22
O4 SO4 D . 11.76 19.53 -8.90
S SO4 E . 2.16 -26.41 -0.99
O1 SO4 E . 2.26 -25.21 -0.15
O2 SO4 E . 0.76 -26.76 -1.19
O3 SO4 E . 2.80 -26.11 -2.26
O4 SO4 E . 2.83 -27.56 -0.35
C1 EDO F . -15.97 15.19 7.75
O1 EDO F . -14.79 14.37 7.72
C2 EDO F . -16.55 15.38 6.36
O2 EDO F . -17.65 14.48 6.14
N1 AXV G . 7.86 -5.59 -2.91
N3 AXV G . 6.31 -4.78 -1.18
C4 AXV G . 6.77 -4.96 -4.72
C5 AXV G . 7.91 -5.59 -4.29
C6 AXV G . 8.84 -6.07 -5.24
C7 AXV G . 6.74 -4.99 -2.54
C8 AXV G . 7.04 -5.44 -0.10
C1 AXV G . 8.58 -5.91 -6.61
C2 AXV G . 7.42 -5.26 -7.04
C3 AXV G . 6.51 -4.79 -6.11
N2 AXV G . 6.05 -4.61 -3.61
N4 AXV G . 7.60 -5.96 0.73
#